data_9AWE
#
_entry.id   9AWE
#
_cell.length_a   57.869
_cell.length_b   85.660
_cell.length_c   180.110
_cell.angle_alpha   90.00
_cell.angle_beta   90.00
_cell.angle_gamma   90.00
#
_symmetry.space_group_name_H-M   'P 2 21 21'
#
loop_
_entity.id
_entity.type
_entity.pdbx_description
1 polymer 'Fab Heavy Chain'
2 polymer 'Fab Light Chain'
3 polymer 'Histone chaperone ASF1'
4 polymer 'Immunoglobulin G-binding protein G'
5 water water
#
loop_
_entity_poly.entity_id
_entity_poly.type
_entity_poly.pdbx_seq_one_letter_code
_entity_poly.pdbx_strand_id
1 'polypeptide(L)'
;EISEVQLVESGGGLVQPGGSLRLSCAASGFNVSYYSIHWVRQAPGKGLEWVASIYPYYGSTSYADSVKGRFTISADTSKN
TAYLQMNSLRAEDTAVYYCARGYGWALDYWGQGTLVTVSSASTKGPSVFPLAPSSKSTSGGTAALGCLVKDYFPEPVTVS
WNSGALTSGVHTFPAVLQSSGLYSLSSVVTVPSSSLGTQTYICNVNHKPSNTKVDKKVEPKSCDKTHT
;
B
2 'polypeptide(L)'
;SDIQMTQSPSSLSASVGDRVTITCRASQSVSSAVAWYQQKPGKAPKLLIYSASSLYSGVPSRFSGSRSGTDFTLTISSLQ
PEDFATYYCQQDGWSLITFGQGTKVEIKRTVAAPSVFIFPPSDEQLKSGTASVVCLLNNFYPREAKVQWKVDNALQSGNS
QESVTEQDSKDSTYSLSSTLTLSKADYEKHKVYACEVTHQGLSSPVTKSFNRGEC
;
D
3 'polypeptide(L)'
;SSIVSLLGIKVLNNPAKFTDPYEFEITFECLESLKHDLEWKLTYVGSSRSLDHDQELDSILVGPVPVGVNKFVFSADPPS
AELIPASELVSVTVILLSCSYDGREFVRVGYYVNNEYDEEELRENPPAKVQVDHIVRNILAEKPRVTRFNIVWDNENEGL
E
;
A
4 'polypeptide(L)' TPAVTTYKLVINGRTLSGYTTTTAVDAATAEKVFKQYAFGNGVDGEWTYDDATKTFTVTEKPEKL C
#
# COMPACT_ATOMS: atom_id res chain seq x y z
N GLU A 4 -3.64 23.33 -1.56
CA GLU A 4 -3.94 21.93 -1.29
C GLU A 4 -2.74 21.25 -0.60
N VAL A 5 -3.05 20.48 0.44
CA VAL A 5 -2.03 19.77 1.21
C VAL A 5 -1.57 18.52 0.48
N GLN A 6 -0.25 18.39 0.33
CA GLN A 6 0.38 17.24 -0.33
C GLN A 6 1.37 16.58 0.62
N LEU A 7 1.80 15.38 0.25
CA LEU A 7 2.79 14.63 1.01
C LEU A 7 3.58 13.79 0.01
N VAL A 8 4.90 13.94 0.01
CA VAL A 8 5.74 13.37 -1.03
C VAL A 8 6.87 12.62 -0.38
N GLU A 9 6.93 11.31 -0.59
CA GLU A 9 8.06 10.50 -0.17
C GLU A 9 9.23 10.57 -1.17
N SER A 10 10.41 10.15 -0.71
CA SER A 10 11.67 10.30 -1.42
C SER A 10 12.73 9.45 -0.76
N GLY A 11 13.76 9.12 -1.55
CA GLY A 11 14.87 8.33 -1.08
C GLY A 11 14.70 6.84 -1.28
N GLY A 12 13.69 6.42 -2.06
CA GLY A 12 13.53 5.00 -2.34
C GLY A 12 14.56 4.47 -3.33
N GLY A 13 14.82 3.18 -3.23
CA GLY A 13 15.69 2.57 -4.21
C GLY A 13 16.14 1.19 -3.78
N LEU A 14 17.30 0.77 -4.30
CA LEU A 14 17.81 -0.54 -3.99
C LEU A 14 18.86 -0.39 -2.90
N VAL A 15 18.93 -1.38 -2.03
CA VAL A 15 19.82 -1.34 -0.88
C VAL A 15 20.22 -2.78 -0.55
N GLN A 16 21.43 -2.95 -0.05
CA GLN A 16 21.94 -4.24 0.39
C GLN A 16 21.35 -4.64 1.73
N PRO A 17 21.15 -5.94 1.95
CA PRO A 17 20.85 -6.44 3.30
C PRO A 17 21.85 -5.87 4.32
N GLY A 18 21.35 -5.53 5.51
CA GLY A 18 22.16 -4.82 6.47
C GLY A 18 22.47 -3.38 6.13
N GLY A 19 22.02 -2.90 4.97
CA GLY A 19 22.31 -1.54 4.54
C GLY A 19 21.48 -0.47 5.22
N SER A 20 21.92 0.77 5.03
CA SER A 20 21.27 1.95 5.60
C SER A 20 20.58 2.73 4.49
N LEU A 21 19.28 3.01 4.67
CA LEU A 21 18.55 3.91 3.79
C LEU A 21 17.88 5.00 4.63
N ARG A 22 17.52 6.11 3.98
CA ARG A 22 16.80 7.19 4.66
C ARG A 22 15.79 7.84 3.73
N LEU A 23 14.51 7.68 4.08
CA LEU A 23 13.44 8.32 3.35
C LEU A 23 13.12 9.69 3.95
N SER A 24 12.47 10.51 3.13
CA SER A 24 12.12 11.87 3.49
C SER A 24 10.68 12.14 3.05
N CYS A 25 9.83 12.49 4.00
CA CYS A 25 8.43 12.81 3.74
C CYS A 25 8.31 14.33 3.66
N ALA A 26 8.15 14.85 2.44
CA ALA A 26 8.14 16.29 2.19
C ALA A 26 6.71 16.82 2.19
N ALA A 27 6.45 17.84 3.00
CA ALA A 27 5.09 18.33 3.24
C ALA A 27 4.81 19.63 2.52
N SER A 28 3.57 19.82 2.10
CA SER A 28 3.11 21.08 1.54
C SER A 28 1.66 21.31 1.94
N GLY A 29 1.31 22.57 2.17
CA GLY A 29 0.00 22.94 2.67
C GLY A 29 -0.14 22.93 4.17
N PHE A 30 0.92 22.60 4.91
CA PHE A 30 0.82 22.50 6.36
C PHE A 30 2.22 22.35 6.95
N ASN A 31 2.36 22.77 8.20
CA ASN A 31 3.59 22.61 8.95
C ASN A 31 3.49 21.38 9.85
N VAL A 32 4.50 20.50 9.77
CA VAL A 32 4.48 19.19 10.42
C VAL A 32 4.65 19.25 11.94
N SER A 33 4.97 20.42 12.50
CA SER A 33 5.17 20.51 13.95
C SER A 33 3.84 20.37 14.71
N TYR A 34 2.77 20.95 14.19
CA TYR A 34 1.47 20.82 14.84
C TYR A 34 0.86 19.42 14.73
N TYR A 35 1.25 18.63 13.72
CA TYR A 35 0.54 17.41 13.36
C TYR A 35 1.31 16.16 13.78
N SER A 36 0.61 15.04 13.75
CA SER A 36 1.24 13.75 13.97
C SER A 36 1.58 13.16 12.62
N ILE A 37 2.75 12.52 12.52
CA ILE A 37 3.26 12.00 11.26
C ILE A 37 3.76 10.58 11.44
N HIS A 38 3.42 9.72 10.47
CA HIS A 38 3.54 8.28 10.55
C HIS A 38 4.14 7.73 9.26
N TRP A 39 4.74 6.55 9.38
CA TRP A 39 5.23 5.79 8.24
C TRP A 39 4.54 4.44 8.23
N VAL A 40 3.98 4.09 7.07
CA VAL A 40 3.26 2.84 6.83
C VAL A 40 3.78 2.23 5.54
N ARG A 41 3.92 0.90 5.51
CA ARG A 41 4.51 0.20 4.38
C ARG A 41 3.63 -0.95 3.92
N GLN A 42 3.76 -1.33 2.66
CA GLN A 42 2.94 -2.36 2.02
C GLN A 42 3.80 -3.25 1.14
N ALA A 43 4.12 -4.46 1.62
CA ALA A 43 4.79 -5.45 0.82
C ALA A 43 3.92 -5.79 -0.40
N PRO A 44 4.53 -6.25 -1.50
CA PRO A 44 3.74 -6.54 -2.72
C PRO A 44 2.57 -7.48 -2.47
N GLY A 45 1.37 -6.98 -2.72
CA GLY A 45 0.17 -7.79 -2.54
C GLY A 45 -0.13 -8.18 -1.11
N LYS A 46 0.23 -7.34 -0.15
CA LYS A 46 0.04 -7.62 1.25
C LYS A 46 -0.69 -6.48 1.91
N GLY A 47 -1.14 -6.73 3.14
CA GLY A 47 -1.85 -5.73 3.90
C GLY A 47 -0.98 -4.53 4.23
N LEU A 48 -1.55 -3.60 4.99
CA LEU A 48 -0.85 -2.42 5.47
C LEU A 48 -0.17 -2.70 6.79
N GLU A 49 1.07 -2.23 6.92
CA GLU A 49 1.82 -2.37 8.16
C GLU A 49 2.35 -1.01 8.58
N TRP A 50 2.08 -0.63 9.82
CA TRP A 50 2.59 0.59 10.40
C TRP A 50 3.95 0.27 10.97
N VAL A 51 4.86 1.25 10.88
CA VAL A 51 6.21 1.11 11.42
C VAL A 51 6.55 2.22 12.41
N ALA A 52 6.14 3.46 12.13
CA ALA A 52 6.61 4.54 12.99
C ALA A 52 5.61 5.69 13.03
N SER A 53 5.54 6.30 14.21
CA SER A 53 4.78 7.50 14.42
C SER A 53 5.68 8.52 15.08
N ILE A 54 5.61 9.76 14.62
CA ILE A 54 6.15 10.89 15.37
C ILE A 54 4.96 11.73 15.81
N TYR A 55 4.91 12.04 17.11
CA TYR A 55 3.82 12.85 17.64
C TYR A 55 4.31 14.28 17.76
N PRO A 56 3.41 15.24 17.91
CA PRO A 56 3.88 16.63 17.87
C PRO A 56 4.31 17.17 19.24
N TYR A 57 4.48 18.49 19.29
CA TYR A 57 4.89 19.21 20.49
C TYR A 57 6.24 18.72 21.04
N TYR A 58 6.33 17.45 21.45
CA TYR A 58 7.46 16.95 22.23
C TYR A 58 8.25 15.86 21.52
N GLY A 59 8.22 15.84 20.19
CA GLY A 59 8.82 14.75 19.45
C GLY A 59 8.09 13.49 19.81
N SER A 60 8.76 12.52 20.44
CA SER A 60 8.11 11.36 21.05
C SER A 60 7.52 10.43 19.99
N THR A 61 7.91 9.17 20.05
CA THR A 61 7.79 8.29 18.89
C THR A 61 7.21 6.96 19.30
N SER A 62 6.77 6.20 18.31
CA SER A 62 6.34 4.83 18.50
C SER A 62 6.78 4.04 17.29
N TYR A 63 7.15 2.80 17.52
CA TYR A 63 7.75 1.97 16.48
C TYR A 63 7.17 0.57 16.58
N ALA A 64 6.76 0.02 15.44
CA ALA A 64 6.39 -1.39 15.38
C ALA A 64 7.51 -2.23 15.97
N ASP A 65 7.13 -3.29 16.69
CA ASP A 65 8.12 -4.13 17.36
C ASP A 65 9.15 -4.68 16.37
N SER A 66 8.74 -4.98 15.15
CA SER A 66 9.65 -5.60 14.20
C SER A 66 10.75 -4.64 13.77
N VAL A 67 10.43 -3.35 13.66
CA VAL A 67 11.39 -2.38 13.15
C VAL A 67 12.13 -1.70 14.30
N LYS A 68 12.07 -2.29 15.49
CA LYS A 68 12.64 -1.68 16.68
C LYS A 68 14.15 -1.47 16.55
N GLY A 69 14.62 -0.33 17.06
CA GLY A 69 16.04 -0.05 17.07
C GLY A 69 16.67 0.15 15.70
N ARG A 70 16.27 -0.68 14.72
CA ARG A 70 16.72 -0.50 13.35
C ARG A 70 16.18 0.80 12.73
N PHE A 71 14.97 1.21 13.10
CA PHE A 71 14.31 2.33 12.45
C PHE A 71 14.26 3.54 13.38
N THR A 72 14.42 4.74 12.81
CA THR A 72 14.27 5.97 13.56
C THR A 72 13.41 6.95 12.76
N ILE A 73 12.15 7.16 13.20
CA ILE A 73 11.33 8.24 12.68
C ILE A 73 11.74 9.52 13.38
N SER A 74 11.65 10.63 12.65
CA SER A 74 12.04 11.94 13.15
C SER A 74 11.59 13.00 12.16
N ALA A 75 11.79 14.27 12.52
CA ALA A 75 11.28 15.36 11.70
C ALA A 75 12.07 16.63 11.99
N ASP A 76 12.25 17.42 10.94
CA ASP A 76 12.96 18.69 11.03
C ASP A 76 11.99 19.77 10.62
N THR A 77 11.51 20.52 11.62
CA THR A 77 10.39 21.44 11.43
C THR A 77 10.78 22.63 10.56
N SER A 78 12.02 23.10 10.72
CA SER A 78 12.58 24.08 9.80
C SER A 78 12.36 23.65 8.36
N LYS A 79 12.74 22.42 8.03
CA LYS A 79 12.67 21.93 6.67
C LYS A 79 11.35 21.21 6.35
N ASN A 80 10.34 21.32 7.23
CA ASN A 80 8.98 20.78 7.01
C ASN A 80 9.04 19.40 6.37
N THR A 81 9.54 18.45 7.14
CA THR A 81 9.91 17.18 6.55
C THR A 81 10.13 16.19 7.68
N ALA A 82 9.89 14.92 7.39
CA ALA A 82 10.18 13.87 8.33
C ALA A 82 11.09 12.86 7.66
N TYR A 83 11.53 11.89 8.44
CA TYR A 83 12.57 10.98 7.99
C TYR A 83 12.35 9.65 8.68
N LEU A 84 12.08 8.61 7.92
CA LEU A 84 12.25 7.26 8.42
C LEU A 84 13.66 6.83 8.05
N GLN A 85 14.43 6.44 9.06
CA GLN A 85 15.81 6.03 8.89
C GLN A 85 15.87 4.54 9.21
N MET A 86 16.27 3.73 8.24
CA MET A 86 16.38 2.30 8.45
C MET A 86 17.83 1.86 8.32
N ASN A 87 18.30 1.18 9.36
CA ASN A 87 19.59 0.54 9.47
C ASN A 87 19.32 -0.94 9.71
N SER A 88 20.34 -1.77 9.55
CA SER A 88 20.20 -3.21 9.83
C SER A 88 19.05 -3.82 9.01
N LEU A 89 18.79 -3.22 7.84
CA LEU A 89 17.67 -3.60 6.99
C LEU A 89 17.78 -5.06 6.53
N ARG A 90 16.66 -5.76 6.56
CA ARG A 90 16.61 -7.17 6.23
C ARG A 90 15.71 -7.33 5.00
N ALA A 91 15.71 -8.51 4.40
CA ALA A 91 14.93 -8.72 3.18
C ALA A 91 13.42 -8.61 3.43
N GLU A 92 12.99 -8.68 4.68
CA GLU A 92 11.58 -8.56 4.99
C GLU A 92 11.08 -7.14 4.88
N ASP A 93 11.98 -6.15 4.91
CA ASP A 93 11.59 -4.74 4.88
C ASP A 93 11.39 -4.19 3.47
N THR A 94 11.51 -5.01 2.42
CA THR A 94 11.26 -4.52 1.07
C THR A 94 9.77 -4.27 0.88
N ALA A 95 9.40 -3.03 0.56
CA ALA A 95 7.99 -2.68 0.40
C ALA A 95 7.88 -1.24 -0.11
N VAL A 96 6.64 -0.80 -0.35
CA VAL A 96 6.34 0.59 -0.66
C VAL A 96 6.07 1.33 0.65
N TYR A 97 6.87 2.36 0.91
CA TYR A 97 6.79 3.10 2.15
C TYR A 97 5.90 4.31 1.94
N TYR A 98 4.84 4.42 2.75
CA TYR A 98 3.94 5.55 2.79
C TYR A 98 4.22 6.43 4.00
N CYS A 99 4.06 7.73 3.85
CA CYS A 99 4.10 8.61 4.99
C CYS A 99 2.78 9.39 5.06
N ALA A 100 2.35 9.76 6.28
CA ALA A 100 0.97 10.23 6.35
C ALA A 100 0.74 11.09 7.59
N ARG A 101 -0.09 12.11 7.41
CA ARG A 101 -0.51 13.01 8.46
C ARG A 101 -1.56 12.39 9.38
N GLY A 102 -1.46 12.71 10.68
CA GLY A 102 -2.45 12.26 11.65
C GLY A 102 -3.71 13.13 11.62
N TYR A 103 -4.85 12.46 11.73
CA TYR A 103 -6.17 13.08 11.91
C TYR A 103 -6.69 12.41 13.16
N GLY A 104 -6.57 13.12 14.29
CA GLY A 104 -6.85 12.51 15.57
C GLY A 104 -6.11 11.20 15.69
N TRP A 105 -6.83 10.11 15.86
CA TRP A 105 -6.25 8.78 15.80
C TRP A 105 -6.36 8.16 14.41
N ALA A 106 -6.71 8.92 13.39
CA ALA A 106 -6.71 8.37 12.03
C ALA A 106 -5.60 9.04 11.20
N LEU A 107 -5.61 8.73 9.89
CA LEU A 107 -4.60 9.17 8.93
C LEU A 107 -5.30 9.75 7.72
N ASP A 108 -5.40 11.08 7.59
CA ASP A 108 -6.27 11.57 6.55
C ASP A 108 -5.57 11.81 5.20
N TYR A 109 -4.27 12.14 5.19
CA TYR A 109 -3.57 12.41 3.93
C TYR A 109 -2.34 11.50 3.80
N TRP A 110 -2.08 11.06 2.57
CA TRP A 110 -1.04 10.08 2.29
C TRP A 110 -0.16 10.53 1.13
N GLY A 111 1.08 10.09 1.16
CA GLY A 111 1.93 10.22 0.01
C GLY A 111 1.52 9.22 -1.05
N GLN A 112 2.32 9.19 -2.12
CA GLN A 112 2.13 8.13 -3.08
C GLN A 112 3.04 6.95 -2.78
N GLY A 113 4.13 7.20 -2.08
CA GLY A 113 5.00 6.13 -1.63
C GLY A 113 6.30 6.10 -2.41
N THR A 114 7.27 5.35 -1.88
CA THR A 114 8.41 4.96 -2.68
C THR A 114 8.71 3.49 -2.44
N LEU A 115 9.17 2.82 -3.49
CA LEU A 115 9.53 1.43 -3.39
C LEU A 115 10.95 1.32 -2.84
N VAL A 116 11.12 0.42 -1.87
CA VAL A 116 12.39 0.20 -1.21
C VAL A 116 12.66 -1.29 -1.34
N THR A 117 13.68 -1.63 -2.15
CA THR A 117 14.07 -3.00 -2.44
C THR A 117 15.39 -3.29 -1.75
N VAL A 118 15.37 -4.28 -0.85
CA VAL A 118 16.59 -4.69 -0.17
C VAL A 118 16.78 -6.17 -0.49
N SER A 119 17.95 -6.49 -1.03
CA SER A 119 18.27 -7.78 -1.59
C SER A 119 19.74 -7.73 -1.98
N SER A 120 20.32 -8.92 -2.21
CA SER A 120 21.68 -8.97 -2.73
C SER A 120 21.74 -8.94 -4.25
N ALA A 121 20.62 -9.06 -4.94
CA ALA A 121 20.64 -8.97 -6.39
C ALA A 121 21.07 -7.57 -6.84
N SER A 122 21.50 -7.49 -8.10
CA SER A 122 22.03 -6.28 -8.70
C SER A 122 21.08 -5.75 -9.75
N THR A 123 21.20 -4.46 -10.04
CA THR A 123 20.32 -3.81 -11.01
C THR A 123 20.69 -4.22 -12.44
N LYS A 124 19.68 -4.70 -13.18
CA LYS A 124 19.84 -5.32 -14.49
C LYS A 124 18.60 -5.09 -15.34
N GLY A 125 18.79 -4.54 -16.55
CA GLY A 125 17.71 -4.37 -17.49
C GLY A 125 17.07 -5.69 -17.91
N PRO A 126 15.92 -5.64 -18.60
CA PRO A 126 15.18 -6.85 -18.91
C PRO A 126 15.52 -7.45 -20.26
N SER A 127 15.36 -8.77 -20.34
CA SER A 127 15.32 -9.45 -21.63
C SER A 127 13.89 -9.50 -22.10
N VAL A 128 13.66 -9.23 -23.38
CA VAL A 128 12.31 -9.18 -23.91
C VAL A 128 12.22 -10.20 -25.05
N PHE A 129 11.70 -11.28 -24.77
CA PHE A 129 11.41 -12.43 -25.59
C PHE A 129 9.95 -12.40 -26.05
N PRO A 130 9.61 -12.88 -27.24
CA PRO A 130 8.23 -12.74 -27.73
C PRO A 130 7.30 -13.84 -27.24
N LEU A 131 6.00 -13.60 -27.44
CA LEU A 131 4.94 -14.60 -27.31
C LEU A 131 4.18 -14.54 -28.63
N ALA A 132 4.48 -15.45 -29.56
CA ALA A 132 4.04 -15.11 -30.91
C ALA A 132 2.75 -15.81 -31.29
N PRO A 133 1.87 -15.15 -32.05
CA PRO A 133 0.59 -15.76 -32.43
C PRO A 133 0.75 -16.84 -33.47
N SER A 134 -0.33 -17.60 -33.66
CA SER A 134 -0.35 -18.77 -34.52
C SER A 134 -1.60 -18.74 -35.41
N SER A 135 -1.55 -19.52 -36.49
CA SER A 135 -2.69 -19.60 -37.42
C SER A 135 -3.77 -20.57 -36.95
N LYS A 136 -3.41 -21.61 -36.19
CA LYS A 136 -4.42 -22.48 -35.60
C LYS A 136 -5.32 -21.71 -34.64
N SER A 137 -4.78 -20.70 -33.96
CA SER A 137 -5.47 -20.02 -32.87
C SER A 137 -6.55 -19.07 -33.36
N THR A 138 -6.98 -19.23 -34.61
CA THR A 138 -8.20 -18.57 -35.09
C THR A 138 -9.38 -19.18 -34.34
N SER A 139 -9.89 -18.45 -33.33
CA SER A 139 -11.13 -18.82 -32.66
C SER A 139 -12.27 -18.61 -33.66
N GLY A 140 -13.20 -17.70 -33.36
CA GLY A 140 -14.01 -17.15 -34.44
C GLY A 140 -13.15 -16.32 -35.39
N GLY A 141 -12.17 -15.62 -34.82
CA GLY A 141 -11.23 -14.83 -35.58
C GLY A 141 -10.48 -13.92 -34.63
N THR A 142 -10.04 -14.47 -33.50
CA THR A 142 -9.32 -13.71 -32.47
C THR A 142 -8.03 -14.44 -32.09
N ALA A 143 -6.95 -13.67 -31.98
CA ALA A 143 -5.62 -14.19 -31.71
C ALA A 143 -4.99 -13.44 -30.55
N ALA A 144 -3.94 -14.04 -29.98
CA ALA A 144 -3.28 -13.50 -28.80
C ALA A 144 -1.76 -13.55 -28.97
N LEU A 145 -1.12 -12.39 -28.91
CA LEU A 145 0.33 -12.28 -28.90
C LEU A 145 0.74 -11.48 -27.67
N GLY A 146 1.99 -11.70 -27.24
CA GLY A 146 2.44 -11.04 -26.03
C GLY A 146 3.94 -10.92 -26.01
N CYS A 147 4.43 -10.11 -25.08
CA CYS A 147 5.84 -9.98 -24.80
C CYS A 147 6.16 -10.69 -23.49
N LEU A 148 7.32 -11.30 -23.40
CA LEU A 148 7.77 -11.86 -22.13
C LEU A 148 8.95 -11.03 -21.65
N VAL A 149 8.76 -10.29 -20.55
CA VAL A 149 9.79 -9.41 -20.00
C VAL A 149 10.48 -10.15 -18.86
N LYS A 150 11.71 -10.62 -19.10
CA LYS A 150 12.35 -11.57 -18.19
C LYS A 150 13.69 -11.08 -17.65
N ASP A 151 13.94 -11.48 -16.40
CA ASP A 151 15.23 -11.34 -15.72
C ASP A 151 15.68 -9.88 -15.65
N TYR A 152 14.89 -9.11 -14.90
CA TYR A 152 15.22 -7.73 -14.57
C TYR A 152 15.17 -7.57 -13.06
N PHE A 153 15.91 -6.57 -12.58
CA PHE A 153 16.01 -6.23 -11.17
C PHE A 153 16.38 -4.76 -11.06
N PRO A 154 15.79 -4.02 -10.12
CA PRO A 154 14.58 -4.33 -9.33
C PRO A 154 13.30 -3.77 -9.96
N GLU A 155 12.13 -4.03 -9.39
CA GLU A 155 10.90 -3.43 -9.88
C GLU A 155 11.08 -1.91 -9.94
N PRO A 156 10.28 -1.23 -10.75
CA PRO A 156 9.20 -1.70 -11.60
C PRO A 156 9.55 -1.72 -13.09
N VAL A 157 8.79 -2.47 -13.88
CA VAL A 157 8.82 -2.30 -15.33
C VAL A 157 7.44 -1.81 -15.76
N THR A 158 7.41 -1.05 -16.85
CA THR A 158 6.19 -0.60 -17.50
C THR A 158 6.14 -1.13 -18.93
N VAL A 159 4.96 -1.55 -19.39
CA VAL A 159 4.81 -2.15 -20.72
C VAL A 159 3.67 -1.47 -21.45
N SER A 160 3.97 -0.91 -22.63
CA SER A 160 2.98 -0.27 -23.49
C SER A 160 2.87 -1.04 -24.80
N TRP A 161 1.64 -1.16 -25.30
CA TRP A 161 1.40 -1.85 -26.56
C TRP A 161 1.17 -0.82 -27.66
N ASN A 162 2.02 -0.88 -28.70
CA ASN A 162 1.95 0.00 -29.86
C ASN A 162 1.92 1.46 -29.45
N SER A 163 2.83 1.82 -28.54
CA SER A 163 3.01 3.21 -28.13
C SER A 163 1.72 3.81 -27.56
N GLY A 164 1.01 3.02 -26.78
CA GLY A 164 -0.23 3.47 -26.18
C GLY A 164 -1.43 3.45 -27.09
N ALA A 165 -1.26 3.11 -28.35
CA ALA A 165 -2.40 3.08 -29.26
C ALA A 165 -3.17 1.78 -29.20
N LEU A 166 -2.69 0.76 -28.49
CA LEU A 166 -3.41 -0.51 -28.36
C LEU A 166 -3.81 -0.75 -26.91
N THR A 167 -5.00 -0.26 -26.53
CA THR A 167 -5.46 -0.31 -25.16
C THR A 167 -6.56 -1.35 -24.93
N SER A 168 -7.00 -2.08 -25.94
CA SER A 168 -8.07 -3.04 -25.71
C SER A 168 -7.57 -4.47 -25.78
N GLY A 169 -8.24 -5.33 -25.00
CA GLY A 169 -7.89 -6.74 -24.93
C GLY A 169 -6.54 -7.08 -24.34
N VAL A 170 -5.86 -6.14 -23.66
CA VAL A 170 -4.48 -6.32 -23.20
C VAL A 170 -4.46 -6.54 -21.69
N HIS A 171 -3.60 -7.46 -21.23
CA HIS A 171 -3.42 -7.76 -19.81
C HIS A 171 -1.94 -7.87 -19.49
N THR A 172 -1.39 -6.83 -18.86
CA THR A 172 -0.05 -6.88 -18.29
C THR A 172 -0.12 -7.51 -16.92
N PHE A 173 0.79 -8.38 -16.61
CA PHE A 173 0.61 -9.22 -15.44
C PHE A 173 1.44 -8.74 -14.26
N PRO A 174 1.03 -9.05 -13.02
CA PRO A 174 1.93 -8.82 -11.89
C PRO A 174 3.22 -9.56 -12.11
N ALA A 175 4.34 -8.88 -11.83
CA ALA A 175 5.65 -9.53 -11.90
C ALA A 175 5.76 -10.58 -10.81
N VAL A 176 6.63 -11.56 -11.05
CA VAL A 176 6.87 -12.66 -10.11
C VAL A 176 8.35 -12.67 -9.72
N LEU A 177 8.62 -12.91 -8.45
CA LEU A 177 9.99 -13.13 -8.00
C LEU A 177 10.36 -14.59 -8.23
N GLN A 178 11.54 -14.80 -8.81
CA GLN A 178 12.00 -16.13 -9.16
C GLN A 178 13.09 -16.60 -8.21
N SER A 179 13.41 -17.90 -8.30
CA SER A 179 14.46 -18.45 -7.46
C SER A 179 15.76 -17.69 -7.65
N SER A 180 16.08 -17.32 -8.88
CA SER A 180 17.28 -16.54 -9.15
C SER A 180 17.26 -15.19 -8.46
N GLY A 181 16.10 -14.74 -7.99
CA GLY A 181 15.99 -13.41 -7.44
C GLY A 181 15.70 -12.35 -8.47
N LEU A 182 15.37 -12.74 -9.70
CA LEU A 182 15.08 -11.83 -10.78
C LEU A 182 13.59 -11.75 -11.06
N TYR A 183 13.19 -10.60 -11.56
CA TYR A 183 11.80 -10.33 -11.86
C TYR A 183 11.52 -10.66 -13.31
N SER A 184 10.36 -11.27 -13.55
CA SER A 184 9.87 -11.42 -14.91
C SER A 184 8.36 -11.23 -14.93
N LEU A 185 7.90 -10.63 -16.02
CA LEU A 185 6.53 -10.18 -16.22
C LEU A 185 6.14 -10.50 -17.66
N SER A 186 4.87 -10.80 -17.87
CA SER A 186 4.36 -11.10 -19.21
C SER A 186 3.21 -10.16 -19.51
N SER A 187 3.13 -9.71 -20.76
CA SER A 187 2.10 -8.77 -21.17
C SER A 187 1.50 -9.28 -22.47
N VAL A 188 0.19 -9.47 -22.51
CA VAL A 188 -0.47 -10.14 -23.62
C VAL A 188 -1.63 -9.30 -24.11
N VAL A 189 -2.01 -9.48 -25.37
CA VAL A 189 -3.15 -8.77 -25.93
C VAL A 189 -3.84 -9.67 -26.94
N THR A 190 -5.17 -9.80 -26.82
CA THR A 190 -5.97 -10.48 -27.84
C THR A 190 -6.37 -9.50 -28.91
N VAL A 191 -6.33 -9.97 -30.16
CA VAL A 191 -6.54 -9.01 -31.23
C VAL A 191 -7.27 -9.76 -32.34
N PRO A 192 -7.92 -9.07 -33.27
CA PRO A 192 -8.53 -9.78 -34.39
C PRO A 192 -7.51 -10.62 -35.17
N SER A 193 -7.86 -11.89 -35.40
CA SER A 193 -7.05 -12.74 -36.27
C SER A 193 -7.01 -12.23 -37.71
N SER A 194 -7.96 -11.38 -38.09
CA SER A 194 -7.91 -10.74 -39.41
C SER A 194 -6.68 -9.85 -39.51
N SER A 195 -6.60 -8.83 -38.66
CA SER A 195 -5.52 -7.83 -38.68
C SER A 195 -4.16 -8.41 -38.32
N LEU A 196 -4.07 -9.71 -38.02
CA LEU A 196 -2.78 -10.30 -37.68
C LEU A 196 -1.75 -10.04 -38.78
N GLY A 197 -2.14 -10.24 -40.03
CA GLY A 197 -1.19 -10.15 -41.12
C GLY A 197 -0.76 -8.74 -41.53
N THR A 198 -1.69 -7.79 -41.48
CA THR A 198 -1.45 -6.45 -42.04
C THR A 198 -1.07 -5.43 -40.98
N GLN A 199 -1.26 -5.75 -39.70
CA GLN A 199 -1.07 -4.78 -38.62
C GLN A 199 0.08 -5.24 -37.74
N THR A 200 1.12 -4.42 -37.66
CA THR A 200 2.27 -4.70 -36.83
C THR A 200 1.94 -4.39 -35.37
N TYR A 201 2.51 -5.20 -34.47
CA TYR A 201 2.29 -5.04 -33.03
C TYR A 201 3.65 -4.94 -32.32
N ILE A 202 3.88 -3.83 -31.62
CA ILE A 202 5.10 -3.61 -30.86
C ILE A 202 4.71 -3.38 -29.42
N CYS A 203 5.40 -4.04 -28.50
CA CYS A 203 5.26 -3.75 -27.08
C CYS A 203 6.43 -2.89 -26.64
N ASN A 204 6.14 -1.79 -25.98
CA ASN A 204 7.18 -0.89 -25.50
C ASN A 204 7.42 -1.20 -24.03
N VAL A 205 8.66 -1.58 -23.73
CA VAL A 205 9.06 -1.97 -22.38
C VAL A 205 9.94 -0.84 -21.85
N ASN A 206 9.67 -0.41 -20.62
CA ASN A 206 10.45 0.63 -19.95
C ASN A 206 10.82 0.16 -18.55
N HIS A 207 12.12 0.11 -18.28
CA HIS A 207 12.64 -0.23 -16.96
C HIS A 207 13.65 0.84 -16.52
N LYS A 208 13.16 1.84 -15.77
CA LYS A 208 13.95 3.00 -15.37
C LYS A 208 15.15 2.70 -14.47
N PRO A 209 15.04 1.81 -13.45
CA PRO A 209 16.20 1.51 -12.59
C PRO A 209 17.53 1.31 -13.32
N SER A 210 17.52 0.68 -14.49
CA SER A 210 18.71 0.48 -15.30
C SER A 210 18.73 1.34 -16.54
N ASN A 211 17.83 2.33 -16.61
CA ASN A 211 17.68 3.23 -17.76
C ASN A 211 17.53 2.44 -19.05
N THR A 212 16.48 1.61 -19.10
CA THR A 212 16.21 0.75 -20.24
C THR A 212 14.81 1.01 -20.78
N LYS A 213 14.73 1.24 -22.10
CA LYS A 213 13.48 1.42 -22.83
C LYS A 213 13.65 0.79 -24.22
N VAL A 214 13.04 -0.38 -24.44
CA VAL A 214 13.12 -1.08 -25.72
C VAL A 214 11.72 -1.30 -26.28
N ASP A 215 11.66 -1.47 -27.59
CA ASP A 215 10.42 -1.72 -28.31
C ASP A 215 10.54 -3.00 -29.12
N LYS A 216 9.88 -4.06 -28.65
CA LYS A 216 9.92 -5.34 -29.33
C LYS A 216 8.72 -5.46 -30.26
N LYS A 217 8.97 -5.94 -31.47
CA LYS A 217 7.91 -6.27 -32.41
C LYS A 217 7.66 -7.76 -32.36
N VAL A 218 6.40 -8.16 -32.16
CA VAL A 218 6.03 -9.57 -32.05
C VAL A 218 5.29 -9.97 -33.33
N GLU A 219 5.88 -10.92 -34.04
CA GLU A 219 5.43 -11.33 -35.37
C GLU A 219 5.34 -12.84 -35.44
N PRO A 220 4.51 -13.36 -36.34
CA PRO A 220 4.42 -14.82 -36.52
C PRO A 220 5.72 -15.37 -37.11
N LYS A 221 6.22 -16.46 -36.51
CA LYS A 221 7.42 -17.21 -36.96
C LYS A 221 8.15 -16.62 -38.17
N MET B 5 -7.37 -5.31 14.66
CA MET B 5 -6.59 -6.54 14.72
C MET B 5 -7.05 -7.68 13.78
N THR B 6 -8.26 -8.22 13.98
CA THR B 6 -8.73 -9.44 13.29
C THR B 6 -9.89 -9.15 12.36
N GLN B 7 -9.61 -9.15 11.05
CA GLN B 7 -10.52 -8.67 10.02
C GLN B 7 -11.14 -9.84 9.25
N SER B 8 -12.48 -9.88 9.22
CA SER B 8 -13.22 -10.84 8.43
C SER B 8 -14.29 -10.13 7.62
N PRO B 9 -14.68 -10.67 6.44
CA PRO B 9 -14.04 -11.76 5.68
C PRO B 9 -12.92 -11.22 4.82
N SER B 10 -11.87 -12.02 4.57
CA SER B 10 -10.77 -11.58 3.70
C SER B 10 -11.24 -11.24 2.30
N SER B 11 -12.42 -11.72 1.90
CA SER B 11 -12.84 -11.64 0.51
C SER B 11 -14.35 -11.64 0.42
N LEU B 12 -14.90 -10.80 -0.47
CA LEU B 12 -16.34 -10.69 -0.61
C LEU B 12 -16.77 -10.46 -2.05
N SER B 13 -17.55 -11.37 -2.63
CA SER B 13 -18.16 -11.14 -3.95
C SER B 13 -19.52 -10.49 -3.76
N ALA B 14 -19.82 -9.49 -4.58
CA ALA B 14 -21.08 -8.80 -4.42
C ALA B 14 -21.41 -8.02 -5.68
N SER B 15 -22.63 -7.51 -5.73
CA SER B 15 -23.16 -6.77 -6.86
C SER B 15 -23.49 -5.35 -6.43
N VAL B 16 -23.73 -4.49 -7.43
CA VAL B 16 -24.16 -3.12 -7.19
C VAL B 16 -25.49 -3.14 -6.47
N GLY B 17 -25.72 -2.14 -5.60
CA GLY B 17 -26.95 -2.04 -4.84
C GLY B 17 -27.01 -2.93 -3.61
N ASP B 18 -26.16 -3.94 -3.53
CA ASP B 18 -26.11 -4.80 -2.36
C ASP B 18 -25.70 -4.03 -1.10
N ARG B 19 -25.90 -4.67 0.05
CA ARG B 19 -25.60 -4.06 1.34
C ARG B 19 -24.54 -4.91 2.03
N VAL B 20 -23.34 -4.38 2.19
CA VAL B 20 -22.17 -5.16 2.60
C VAL B 20 -21.78 -4.77 4.02
N THR B 21 -21.31 -5.73 4.84
CA THR B 21 -20.74 -5.40 6.15
C THR B 21 -19.45 -6.17 6.39
N ILE B 22 -18.39 -5.44 6.71
CA ILE B 22 -17.08 -5.96 7.10
C ILE B 22 -16.90 -5.76 8.59
N THR B 23 -16.17 -6.68 9.25
CA THR B 23 -16.08 -6.67 10.71
C THR B 23 -14.64 -6.81 11.18
N CYS B 24 -14.27 -5.95 12.12
CA CYS B 24 -12.95 -5.91 12.74
C CYS B 24 -13.10 -6.11 14.25
N ARG B 25 -12.31 -7.03 14.80
CA ARG B 25 -12.28 -7.31 16.23
C ARG B 25 -10.95 -6.84 16.80
N ALA B 26 -10.99 -5.87 17.70
CA ALA B 26 -9.81 -5.31 18.32
C ALA B 26 -9.80 -5.64 19.81
N SER B 27 -8.61 -5.61 20.40
CA SER B 27 -8.50 -5.81 21.84
C SER B 27 -9.14 -4.66 22.61
N GLN B 28 -8.87 -3.41 22.20
CA GLN B 28 -9.39 -2.25 22.90
C GLN B 28 -10.82 -1.95 22.51
N SER B 29 -11.57 -1.36 23.45
CA SER B 29 -12.94 -0.94 23.20
C SER B 29 -13.07 0.56 23.00
N VAL B 30 -11.95 1.28 22.87
CA VAL B 30 -12.03 2.72 22.73
C VAL B 30 -12.54 3.06 21.33
N SER B 31 -13.69 3.69 21.26
CA SER B 31 -14.18 4.00 19.93
C SER B 31 -13.31 5.05 19.23
N SER B 32 -12.54 5.84 19.98
CA SER B 32 -11.78 6.91 19.36
C SER B 32 -10.65 6.40 18.46
N ALA B 33 -10.14 5.21 18.75
CA ALA B 33 -8.89 4.67 18.22
C ALA B 33 -9.02 4.02 16.86
N VAL B 34 -10.23 3.86 16.34
CA VAL B 34 -10.50 2.99 15.19
C VAL B 34 -10.93 3.84 14.01
N ALA B 35 -10.31 3.59 12.84
CA ALA B 35 -10.80 4.13 11.57
C ALA B 35 -10.85 3.03 10.51
N TRP B 36 -11.41 3.38 9.36
CA TRP B 36 -11.43 2.49 8.21
C TRP B 36 -10.87 3.22 7.01
N TYR B 37 -10.14 2.48 6.14
CA TYR B 37 -9.67 3.03 4.88
C TYR B 37 -10.09 2.16 3.71
N GLN B 38 -10.26 2.81 2.57
CA GLN B 38 -10.44 2.16 1.27
C GLN B 38 -9.22 2.37 0.42
N GLN B 39 -8.71 1.29 -0.17
CA GLN B 39 -7.58 1.32 -1.09
C GLN B 39 -7.96 0.55 -2.36
N LYS B 40 -7.81 1.20 -3.54
CA LYS B 40 -7.76 0.70 -4.91
C LYS B 40 -6.32 0.43 -5.31
N PRO B 41 -6.06 -0.40 -6.33
CA PRO B 41 -4.67 -0.79 -6.61
C PRO B 41 -3.86 0.38 -7.17
N GLY B 42 -2.59 0.46 -6.74
CA GLY B 42 -1.72 1.56 -7.12
C GLY B 42 -2.05 2.88 -6.46
N LYS B 43 -2.86 2.91 -5.42
CA LYS B 43 -3.25 4.18 -4.87
C LYS B 43 -3.09 4.12 -3.36
N ALA B 44 -2.83 5.28 -2.76
CA ALA B 44 -2.73 5.33 -1.32
C ALA B 44 -4.11 5.14 -0.71
N PRO B 45 -4.17 4.51 0.46
CA PRO B 45 -5.44 4.41 1.20
C PRO B 45 -6.17 5.76 1.34
N LYS B 46 -7.49 5.68 1.34
CA LYS B 46 -8.35 6.82 1.64
C LYS B 46 -9.11 6.55 2.93
N LEU B 47 -9.08 7.51 3.84
CA LEU B 47 -9.87 7.44 5.05
C LEU B 47 -11.36 7.51 4.75
N LEU B 48 -12.13 6.67 5.43
CA LEU B 48 -13.59 6.75 5.29
C LEU B 48 -14.31 7.11 6.58
N ILE B 49 -14.04 6.38 7.65
CA ILE B 49 -14.69 6.51 8.95
C ILE B 49 -13.61 6.69 9.99
N TYR B 50 -13.73 7.70 10.86
CA TYR B 50 -12.79 7.89 11.97
C TYR B 50 -13.52 7.77 13.31
N SER B 51 -12.74 7.38 14.32
CA SER B 51 -13.24 7.20 15.68
C SER B 51 -14.55 6.42 15.67
N ALA B 52 -14.46 5.20 15.13
CA ALA B 52 -15.50 4.18 14.99
C ALA B 52 -16.67 4.56 14.10
N SER B 53 -17.31 5.73 14.30
CA SER B 53 -18.57 6.04 13.64
C SER B 53 -18.63 7.36 12.88
N SER B 54 -17.59 8.13 12.79
CA SER B 54 -17.75 9.46 12.21
C SER B 54 -17.40 9.46 10.73
N LEU B 55 -18.33 9.96 9.93
CA LEU B 55 -18.13 10.01 8.49
C LEU B 55 -17.06 11.05 8.16
N TYR B 56 -15.89 10.61 7.73
CA TYR B 56 -14.89 11.57 7.26
C TYR B 56 -15.47 12.40 6.13
N SER B 57 -15.18 13.70 6.18
CA SER B 57 -15.70 14.60 5.17
C SER B 57 -15.37 14.08 3.78
N GLY B 58 -16.25 14.40 2.84
CA GLY B 58 -16.14 13.96 1.47
C GLY B 58 -16.76 12.61 1.18
N VAL B 59 -16.64 11.66 2.11
CA VAL B 59 -17.13 10.28 1.95
C VAL B 59 -18.64 10.25 1.79
N PRO B 60 -19.20 9.41 0.92
CA PRO B 60 -20.66 9.31 0.75
C PRO B 60 -21.41 8.72 1.95
N SER B 61 -22.70 9.09 2.07
CA SER B 61 -23.47 8.60 3.21
C SER B 61 -23.70 7.09 3.21
N ARG B 62 -23.45 6.38 2.09
CA ARG B 62 -23.67 4.93 2.14
C ARG B 62 -22.66 4.23 3.05
N PHE B 63 -21.63 4.93 3.53
CA PHE B 63 -20.67 4.34 4.44
C PHE B 63 -21.05 4.64 5.88
N SER B 64 -20.72 3.72 6.78
CA SER B 64 -21.20 3.85 8.14
C SER B 64 -20.44 2.84 8.99
N GLY B 65 -20.29 3.18 10.28
CA GLY B 65 -19.51 2.37 11.19
C GLY B 65 -20.15 2.34 12.56
N SER B 66 -19.68 1.41 13.40
CA SER B 66 -20.18 1.32 14.76
C SER B 66 -19.40 0.25 15.54
N ARG B 67 -19.51 0.32 16.88
CA ARG B 67 -18.78 -0.57 17.77
C ARG B 67 -19.77 -1.29 18.67
N SER B 68 -19.52 -2.58 18.90
CA SER B 68 -20.32 -3.36 19.83
C SER B 68 -19.36 -4.27 20.58
N GLY B 69 -18.93 -3.83 21.76
CA GLY B 69 -17.95 -4.61 22.51
C GLY B 69 -16.59 -4.41 21.91
N THR B 70 -15.90 -5.52 21.66
CA THR B 70 -14.58 -5.49 21.02
C THR B 70 -14.67 -5.41 19.50
N ASP B 71 -15.85 -5.65 18.92
CA ASP B 71 -16.01 -5.76 17.49
C ASP B 71 -16.44 -4.42 16.88
N PHE B 72 -15.78 -4.05 15.77
CA PHE B 72 -16.09 -2.85 15.00
C PHE B 72 -16.58 -3.30 13.64
N THR B 73 -17.33 -2.43 12.95
CA THR B 73 -17.95 -2.84 11.71
C THR B 73 -18.12 -1.66 10.75
N LEU B 74 -17.81 -1.89 9.48
CA LEU B 74 -18.14 -0.95 8.42
C LEU B 74 -19.21 -1.58 7.55
N THR B 75 -20.22 -0.79 7.17
CA THR B 75 -21.22 -1.22 6.20
C THR B 75 -21.36 -0.20 5.09
N ILE B 76 -21.66 -0.70 3.89
CA ILE B 76 -21.99 0.13 2.75
C ILE B 76 -23.44 -0.17 2.42
N SER B 77 -24.29 0.84 2.54
CA SER B 77 -25.72 0.59 2.54
C SER B 77 -26.23 0.20 1.17
N SER B 78 -25.46 0.50 0.12
CA SER B 78 -25.78 -0.01 -1.21
C SER B 78 -24.55 0.22 -2.05
N LEU B 79 -23.81 -0.84 -2.34
CA LEU B 79 -22.59 -0.79 -3.15
C LEU B 79 -22.77 0.06 -4.39
N GLN B 80 -21.65 0.50 -4.95
CA GLN B 80 -21.64 1.29 -6.16
C GLN B 80 -20.50 0.72 -6.97
N PRO B 81 -20.42 1.06 -8.26
CA PRO B 81 -19.26 0.55 -9.04
C PRO B 81 -17.94 1.06 -8.48
N GLU B 82 -17.88 2.33 -8.14
CA GLU B 82 -16.64 2.86 -7.56
C GLU B 82 -16.30 2.24 -6.22
N ASP B 83 -17.23 1.51 -5.58
CA ASP B 83 -16.97 0.97 -4.27
C ASP B 83 -16.20 -0.35 -4.28
N PHE B 84 -15.82 -0.88 -5.42
CA PHE B 84 -15.16 -2.20 -5.43
C PHE B 84 -13.67 -2.01 -5.18
N ALA B 85 -13.20 -2.41 -4.00
CA ALA B 85 -11.85 -2.09 -3.58
C ALA B 85 -11.45 -3.01 -2.42
N THR B 86 -10.37 -2.66 -1.74
CA THR B 86 -9.95 -3.37 -0.53
C THR B 86 -10.13 -2.48 0.68
N TYR B 87 -10.52 -3.07 1.82
CA TYR B 87 -10.83 -2.27 3.00
C TYR B 87 -10.04 -2.76 4.19
N TYR B 88 -9.67 -1.81 5.04
CA TYR B 88 -8.72 -2.01 6.12
C TYR B 88 -9.22 -1.26 7.33
N CYS B 89 -9.19 -1.93 8.48
CA CYS B 89 -9.49 -1.28 9.76
C CYS B 89 -8.18 -0.90 10.45
N GLN B 90 -8.20 0.21 11.13
CA GLN B 90 -7.03 0.67 11.85
C GLN B 90 -7.34 0.89 13.31
N GLN B 91 -6.57 0.27 14.18
CA GLN B 91 -6.63 0.53 15.62
C GLN B 91 -5.39 1.33 15.99
N ASP B 92 -5.58 2.61 16.33
CA ASP B 92 -4.52 3.49 16.83
C ASP B 92 -4.42 3.38 18.35
N GLY B 93 -3.89 2.24 18.81
CA GLY B 93 -3.94 1.85 20.20
C GLY B 93 -2.92 2.56 21.07
N TRP B 94 -2.88 2.13 22.34
CA TRP B 94 -2.08 2.79 23.37
C TRP B 94 -0.60 2.86 22.98
N SER B 95 0.01 1.69 22.78
CA SER B 95 1.43 1.67 22.41
C SER B 95 1.60 1.87 20.91
N LEU B 96 0.81 1.17 20.08
CA LEU B 96 1.16 1.03 18.67
C LEU B 96 -0.07 0.93 17.78
N ILE B 97 0.07 1.44 16.54
CA ILE B 97 -0.96 1.36 15.51
C ILE B 97 -0.96 -0.03 14.90
N THR B 98 -2.15 -0.59 14.69
CA THR B 98 -2.34 -1.88 14.04
C THR B 98 -3.26 -1.71 12.83
N PHE B 99 -3.15 -2.62 11.87
CA PHE B 99 -4.07 -2.65 10.75
C PHE B 99 -4.62 -4.05 10.58
N GLY B 100 -5.88 -4.14 10.21
CA GLY B 100 -6.45 -5.44 9.96
C GLY B 100 -5.93 -6.03 8.68
N GLN B 101 -6.06 -7.34 8.54
CA GLN B 101 -5.49 -8.03 7.39
C GLN B 101 -6.03 -7.52 6.07
N GLY B 102 -7.20 -6.88 6.06
CA GLY B 102 -7.81 -6.35 4.86
C GLY B 102 -8.96 -7.20 4.36
N THR B 103 -9.82 -6.58 3.53
CA THR B 103 -10.99 -7.24 2.94
C THR B 103 -11.18 -6.74 1.51
N LYS B 104 -11.05 -7.65 0.53
CA LYS B 104 -11.12 -7.31 -0.88
C LYS B 104 -12.53 -7.60 -1.37
N VAL B 105 -13.16 -6.61 -2.01
CA VAL B 105 -14.57 -6.75 -2.38
C VAL B 105 -14.64 -6.74 -3.90
N GLU B 106 -14.73 -7.95 -4.49
CA GLU B 106 -14.76 -8.14 -5.94
C GLU B 106 -16.20 -8.23 -6.44
N ILE B 107 -16.39 -8.02 -7.75
CA ILE B 107 -17.71 -8.08 -8.37
C ILE B 107 -18.11 -9.54 -8.61
N LYS B 108 -19.40 -9.80 -8.57
CA LYS B 108 -19.94 -11.07 -8.97
C LYS B 108 -20.50 -10.96 -10.39
N ARG B 109 -20.31 -12.01 -11.19
CA ARG B 109 -20.92 -12.05 -12.51
C ARG B 109 -21.16 -13.50 -12.87
N THR B 110 -21.64 -13.72 -14.08
CA THR B 110 -21.84 -15.09 -14.52
C THR B 110 -20.49 -15.76 -14.81
N VAL B 111 -20.49 -17.08 -14.75
CA VAL B 111 -19.26 -17.85 -14.89
C VAL B 111 -18.77 -17.80 -16.35
N ALA B 112 -17.57 -17.27 -16.56
CA ALA B 112 -16.98 -17.17 -17.88
C ALA B 112 -15.91 -18.22 -18.06
N ALA B 113 -15.80 -18.70 -19.27
CA ALA B 113 -14.82 -19.70 -19.64
C ALA B 113 -13.53 -19.00 -20.08
N PRO B 114 -12.37 -19.58 -19.78
CA PRO B 114 -11.11 -18.97 -20.22
C PRO B 114 -10.74 -19.44 -21.63
N SER B 115 -10.30 -18.51 -22.45
CA SER B 115 -9.61 -18.86 -23.69
C SER B 115 -8.19 -19.29 -23.33
N VAL B 116 -7.88 -20.56 -23.56
CA VAL B 116 -6.58 -21.11 -23.18
C VAL B 116 -5.65 -21.11 -24.39
N PHE B 117 -4.55 -20.37 -24.31
CA PHE B 117 -3.56 -20.29 -25.39
C PHE B 117 -2.19 -20.73 -24.89
N ILE B 118 -1.45 -21.45 -25.73
CA ILE B 118 -0.11 -21.93 -25.42
C ILE B 118 0.88 -21.25 -26.35
N PHE B 119 2.12 -21.04 -25.87
CA PHE B 119 3.15 -20.21 -26.51
C PHE B 119 4.51 -20.90 -26.40
N PRO B 120 5.29 -20.98 -27.47
CA PRO B 120 6.58 -21.69 -27.41
C PRO B 120 7.73 -20.76 -27.04
N PRO B 121 8.85 -21.34 -26.58
CA PRO B 121 9.96 -20.54 -26.05
C PRO B 121 10.53 -19.44 -26.95
N SER B 122 10.39 -19.52 -28.27
CA SER B 122 11.04 -18.56 -29.17
C SER B 122 12.56 -18.69 -29.14
N ASP B 123 13.17 -18.52 -30.29
CA ASP B 123 14.57 -18.87 -30.47
C ASP B 123 15.50 -17.79 -29.93
N GLU B 124 15.05 -16.54 -29.81
CA GLU B 124 15.85 -15.55 -29.12
C GLU B 124 16.29 -16.07 -27.77
N GLN B 125 15.36 -16.65 -27.03
CA GLN B 125 15.66 -17.13 -25.70
C GLN B 125 16.55 -18.37 -25.74
N LEU B 126 16.20 -19.35 -26.58
CA LEU B 126 16.97 -20.59 -26.61
C LEU B 126 18.41 -20.40 -27.07
N LYS B 127 18.79 -19.17 -27.41
CA LYS B 127 20.20 -18.88 -27.65
C LYS B 127 21.00 -18.95 -26.36
N SER B 128 20.45 -18.45 -25.26
CA SER B 128 21.18 -18.33 -24.01
C SER B 128 20.96 -19.50 -23.05
N GLY B 129 20.30 -20.57 -23.49
CA GLY B 129 20.32 -21.83 -22.77
C GLY B 129 19.17 -22.10 -21.82
N THR B 130 18.09 -21.34 -21.87
CA THR B 130 16.94 -21.58 -21.01
C THR B 130 15.66 -21.28 -21.78
N ALA B 131 14.64 -22.13 -21.62
CA ALA B 131 13.42 -22.06 -22.41
C ALA B 131 12.19 -21.91 -21.50
N SER B 132 11.38 -20.90 -21.77
CA SER B 132 10.16 -20.63 -21.00
C SER B 132 8.93 -20.71 -21.90
N VAL B 133 8.04 -21.64 -21.59
CA VAL B 133 6.76 -21.78 -22.26
C VAL B 133 5.65 -21.35 -21.30
N VAL B 134 4.74 -20.52 -21.78
CA VAL B 134 3.66 -19.99 -20.94
C VAL B 134 2.32 -20.39 -21.52
N CYS B 135 1.38 -20.69 -20.63
CA CYS B 135 -0.02 -20.86 -20.98
C CYS B 135 -0.79 -19.64 -20.49
N LEU B 136 -1.70 -19.15 -21.31
CA LEU B 136 -2.52 -18.00 -20.98
C LEU B 136 -3.95 -18.45 -20.74
N LEU B 137 -4.61 -17.86 -19.72
CA LEU B 137 -6.03 -18.11 -19.43
C LEU B 137 -6.77 -16.78 -19.53
N ASN B 138 -7.43 -16.51 -20.66
CA ASN B 138 -7.98 -15.19 -20.94
C ASN B 138 -9.45 -15.09 -20.52
N ASN B 139 -9.75 -14.11 -19.67
CA ASN B 139 -11.09 -13.69 -19.27
C ASN B 139 -11.91 -14.86 -18.71
N PHE B 140 -11.67 -15.16 -17.45
CA PHE B 140 -12.43 -16.22 -16.79
C PHE B 140 -12.92 -15.76 -15.42
N TYR B 141 -14.19 -15.99 -15.14
CA TYR B 141 -14.79 -15.87 -13.83
C TYR B 141 -15.27 -17.25 -13.41
N PRO B 142 -15.07 -17.69 -12.15
CA PRO B 142 -14.34 -17.03 -11.05
C PRO B 142 -12.85 -17.27 -11.16
N ARG B 143 -12.11 -16.74 -10.19
CA ARG B 143 -10.68 -16.97 -10.14
C ARG B 143 -10.34 -18.45 -9.94
N GLU B 144 -11.27 -19.23 -9.39
CA GLU B 144 -10.97 -20.64 -9.17
C GLU B 144 -10.50 -21.29 -10.47
N ALA B 145 -9.20 -21.53 -10.56
CA ALA B 145 -8.64 -22.09 -11.79
C ALA B 145 -7.37 -22.86 -11.47
N LYS B 146 -7.23 -24.05 -12.04
CA LYS B 146 -6.00 -24.79 -11.95
C LYS B 146 -5.55 -25.25 -13.33
N VAL B 147 -4.34 -24.85 -13.71
CA VAL B 147 -3.72 -25.32 -14.93
C VAL B 147 -2.78 -26.45 -14.53
N GLN B 148 -2.66 -27.45 -15.40
CA GLN B 148 -1.73 -28.55 -15.21
C GLN B 148 -0.78 -28.63 -16.40
N TRP B 149 0.52 -28.58 -16.12
CA TRP B 149 1.55 -28.62 -17.17
C TRP B 149 1.91 -30.07 -17.47
N LYS B 150 1.89 -30.43 -18.74
CA LYS B 150 2.16 -31.80 -19.19
C LYS B 150 3.12 -31.76 -20.36
N VAL B 151 4.24 -32.49 -20.25
CA VAL B 151 5.18 -32.67 -21.36
C VAL B 151 5.28 -34.17 -21.67
N ASP B 152 4.92 -34.53 -22.90
CA ASP B 152 4.91 -35.92 -23.34
C ASP B 152 4.05 -36.80 -22.41
N ASN B 153 2.97 -36.21 -21.86
CA ASN B 153 2.05 -36.80 -20.88
C ASN B 153 2.70 -37.09 -19.53
N ALA B 154 3.80 -36.44 -19.18
CA ALA B 154 4.36 -36.56 -17.84
C ALA B 154 4.00 -35.29 -17.07
N LEU B 155 3.12 -35.42 -16.09
CA LEU B 155 2.71 -34.28 -15.27
C LEU B 155 3.94 -33.57 -14.73
N GLN B 156 3.85 -32.25 -14.64
CA GLN B 156 5.00 -31.41 -14.32
C GLN B 156 4.75 -30.69 -13.00
N SER B 157 5.67 -30.88 -12.05
CA SER B 157 5.60 -30.24 -10.75
C SER B 157 6.91 -29.51 -10.47
N GLY B 158 6.83 -28.38 -9.75
CA GLY B 158 7.98 -27.64 -9.30
C GLY B 158 8.51 -26.58 -10.26
N ASN B 159 8.07 -26.61 -11.52
CA ASN B 159 8.57 -25.70 -12.55
C ASN B 159 7.68 -24.50 -12.82
N SER B 160 6.37 -24.61 -12.61
CA SER B 160 5.45 -23.58 -13.05
C SER B 160 5.45 -22.38 -12.11
N GLN B 161 5.09 -21.22 -12.65
CA GLN B 161 4.98 -20.00 -11.87
C GLN B 161 3.94 -19.10 -12.50
N GLU B 162 2.82 -18.91 -11.82
CA GLU B 162 1.68 -18.17 -12.35
C GLU B 162 1.49 -16.84 -11.61
N SER B 163 0.96 -15.86 -12.33
CA SER B 163 0.50 -14.62 -11.75
C SER B 163 -0.90 -14.33 -12.31
N VAL B 164 -1.72 -13.60 -11.54
CA VAL B 164 -3.11 -13.40 -11.92
C VAL B 164 -3.39 -11.91 -12.04
N THR B 165 -4.18 -11.56 -13.05
CA THR B 165 -4.58 -10.19 -13.27
C THR B 165 -5.61 -9.80 -12.21
N GLU B 166 -5.73 -8.50 -11.96
CA GLU B 166 -6.86 -8.12 -11.11
C GLU B 166 -8.14 -8.11 -11.96
N GLN B 167 -9.28 -8.23 -11.28
CA GLN B 167 -10.56 -8.17 -11.97
C GLN B 167 -10.56 -7.06 -13.00
N ASP B 168 -11.00 -7.38 -14.22
CA ASP B 168 -11.04 -6.35 -15.25
C ASP B 168 -12.21 -5.40 -15.00
N SER B 169 -12.09 -4.20 -15.54
CA SER B 169 -13.14 -3.19 -15.33
C SER B 169 -14.33 -3.42 -16.26
N LYS B 170 -14.08 -3.94 -17.46
CA LYS B 170 -15.15 -4.11 -18.44
C LYS B 170 -15.81 -5.48 -18.31
N ASP B 171 -15.03 -6.56 -18.43
CA ASP B 171 -15.60 -7.90 -18.34
C ASP B 171 -15.92 -8.35 -16.92
N SER B 172 -15.33 -7.73 -15.90
CA SER B 172 -15.26 -8.27 -14.54
C SER B 172 -14.60 -9.65 -14.52
N THR B 173 -13.68 -9.90 -15.46
CA THR B 173 -13.02 -11.20 -15.54
C THR B 173 -11.59 -11.14 -15.03
N TYR B 174 -10.95 -12.30 -15.06
CA TYR B 174 -9.60 -12.52 -14.61
C TYR B 174 -8.79 -13.06 -15.77
N SER B 175 -7.49 -12.83 -15.73
CA SER B 175 -6.56 -13.52 -16.63
C SER B 175 -5.46 -14.14 -15.79
N LEU B 176 -4.98 -15.30 -16.23
CA LEU B 176 -3.90 -16.02 -15.56
C LEU B 176 -2.83 -16.35 -16.57
N SER B 177 -1.57 -16.26 -16.15
CA SER B 177 -0.43 -16.65 -16.99
C SER B 177 0.46 -17.57 -16.18
N SER B 178 0.52 -18.84 -16.57
CA SER B 178 1.40 -19.83 -15.96
C SER B 178 2.61 -20.05 -16.87
N THR B 179 3.80 -19.75 -16.38
CA THR B 179 5.00 -19.95 -17.20
C THR B 179 5.74 -21.20 -16.73
N LEU B 180 6.19 -21.98 -17.70
CA LEU B 180 6.95 -23.20 -17.49
C LEU B 180 8.37 -22.95 -17.97
N THR B 181 9.35 -23.07 -17.08
CA THR B 181 10.74 -22.77 -17.44
C THR B 181 11.57 -24.04 -17.28
N LEU B 182 12.35 -24.35 -18.32
CA LEU B 182 13.16 -25.56 -18.42
C LEU B 182 14.49 -25.22 -19.08
N SER B 183 15.53 -25.99 -18.75
CA SER B 183 16.81 -25.80 -19.43
C SER B 183 16.71 -26.29 -20.88
N LYS B 184 17.35 -25.54 -21.81
CA LYS B 184 17.15 -25.80 -23.25
C LYS B 184 17.39 -27.26 -23.60
N ALA B 185 18.31 -27.92 -22.89
CA ALA B 185 18.54 -29.33 -23.12
C ALA B 185 17.27 -30.13 -22.86
N ASP B 186 16.64 -29.91 -21.70
CA ASP B 186 15.45 -30.68 -21.37
C ASP B 186 14.25 -30.25 -22.19
N TYR B 187 14.25 -29.01 -22.71
CA TYR B 187 13.26 -28.65 -23.71
C TYR B 187 13.46 -29.48 -24.98
N GLU B 188 14.69 -29.48 -25.50
CA GLU B 188 14.99 -30.22 -26.72
C GLU B 188 14.81 -31.72 -26.54
N LYS B 189 14.90 -32.23 -25.31
CA LYS B 189 14.79 -33.67 -25.11
C LYS B 189 13.40 -34.17 -25.48
N HIS B 190 12.36 -33.56 -24.90
CA HIS B 190 10.99 -33.95 -25.15
C HIS B 190 10.39 -33.13 -26.30
N LYS B 191 9.32 -33.66 -26.87
CA LYS B 191 8.84 -33.17 -28.17
C LYS B 191 7.57 -32.34 -28.08
N VAL B 192 6.54 -32.86 -27.44
CA VAL B 192 5.23 -32.22 -27.38
C VAL B 192 4.98 -31.73 -25.95
N TYR B 193 4.52 -30.48 -25.84
CA TYR B 193 4.23 -29.85 -24.56
C TYR B 193 2.80 -29.32 -24.60
N ALA B 194 2.05 -29.54 -23.52
CA ALA B 194 0.63 -29.17 -23.47
C ALA B 194 0.26 -28.54 -22.13
N CYS B 195 -0.82 -27.76 -22.17
CA CYS B 195 -1.35 -27.06 -21.01
C CYS B 195 -2.82 -27.47 -20.85
N GLU B 196 -3.16 -28.00 -19.66
CA GLU B 196 -4.50 -28.51 -19.35
C GLU B 196 -5.16 -27.65 -18.27
N VAL B 197 -6.37 -27.17 -18.55
CA VAL B 197 -7.02 -26.18 -17.72
C VAL B 197 -8.36 -26.74 -17.22
N THR B 198 -8.52 -26.77 -15.91
CA THR B 198 -9.74 -27.26 -15.30
C THR B 198 -10.46 -26.13 -14.57
N HIS B 199 -10.80 -25.07 -15.29
CA HIS B 199 -11.71 -24.09 -14.73
C HIS B 199 -13.06 -24.74 -14.50
N GLN B 200 -13.81 -24.20 -13.54
CA GLN B 200 -15.12 -24.77 -13.30
C GLN B 200 -16.10 -24.43 -14.41
N GLY B 201 -15.80 -23.41 -15.22
CA GLY B 201 -16.62 -23.09 -16.37
C GLY B 201 -16.25 -23.94 -17.57
N LEU B 202 -15.45 -24.98 -17.33
CA LEU B 202 -15.08 -25.96 -18.35
C LEU B 202 -15.62 -27.30 -17.88
N SER B 203 -16.59 -27.83 -18.63
CA SER B 203 -17.08 -29.17 -18.38
C SER B 203 -15.93 -30.17 -18.34
N SER B 204 -15.27 -30.39 -19.51
CA SER B 204 -14.05 -31.18 -19.48
C SER B 204 -12.85 -30.25 -19.43
N PRO B 205 -11.71 -30.72 -18.91
CA PRO B 205 -10.49 -29.91 -19.02
C PRO B 205 -10.09 -29.74 -20.48
N VAL B 206 -9.89 -28.51 -20.87
CA VAL B 206 -9.42 -28.18 -22.20
C VAL B 206 -7.89 -28.21 -22.16
N THR B 207 -7.30 -28.82 -23.18
CA THR B 207 -5.85 -28.90 -23.28
C THR B 207 -5.38 -28.20 -24.54
N LYS B 208 -4.30 -27.43 -24.43
CA LYS B 208 -3.67 -26.77 -25.57
C LYS B 208 -2.21 -27.20 -25.63
N SER B 209 -1.74 -27.54 -26.84
CA SER B 209 -0.44 -28.18 -27.04
C SER B 209 0.30 -27.61 -28.26
N PHE B 210 1.57 -28.02 -28.40
CA PHE B 210 2.43 -27.68 -29.54
C PHE B 210 3.47 -28.78 -29.74
N ASN B 211 4.24 -28.70 -30.82
CA ASN B 211 5.27 -29.70 -31.12
C ASN B 211 6.55 -29.01 -31.58
N ARG B 212 7.39 -29.73 -32.33
CA ARG B 212 8.73 -29.27 -32.71
C ARG B 212 9.55 -28.88 -31.48
N GLY B 213 9.31 -29.58 -30.36
CA GLY B 213 9.94 -29.26 -29.08
C GLY B 213 11.44 -28.99 -29.10
N SER C 2 -6.27 28.70 11.73
CA SER C 2 -4.85 28.88 11.39
C SER C 2 -4.24 30.01 12.21
N ILE C 3 -5.10 30.90 12.74
CA ILE C 3 -4.61 32.12 13.38
C ILE C 3 -3.91 31.79 14.70
N VAL C 4 -4.35 30.75 15.39
CA VAL C 4 -3.74 30.28 16.63
C VAL C 4 -3.30 28.84 16.43
N SER C 5 -2.11 28.51 16.94
CA SER C 5 -1.59 27.15 16.90
C SER C 5 -1.00 26.81 18.25
N LEU C 6 -0.74 25.52 18.49
CA LEU C 6 -0.27 25.06 19.79
C LEU C 6 1.21 24.73 19.73
N LEU C 7 2.03 25.38 20.59
CA LEU C 7 3.40 24.89 20.80
C LEU C 7 3.43 23.70 21.75
N GLY C 8 2.61 23.68 22.78
CA GLY C 8 2.73 22.59 23.72
C GLY C 8 1.56 22.52 24.68
N ILE C 9 1.42 21.34 25.28
CA ILE C 9 0.57 21.11 26.42
C ILE C 9 1.35 20.22 27.39
N LYS C 10 1.39 20.60 28.66
CA LYS C 10 2.05 19.80 29.68
C LYS C 10 1.09 19.53 30.82
N VAL C 11 1.02 18.28 31.25
CA VAL C 11 0.04 17.82 32.24
C VAL C 11 0.75 17.75 33.60
N LEU C 12 0.70 18.86 34.35
CA LEU C 12 1.57 18.98 35.52
C LEU C 12 1.28 17.91 36.57
N ASN C 13 0.02 17.49 36.66
CA ASN C 13 -0.42 16.60 37.72
C ASN C 13 -0.41 15.15 37.26
N ASN C 14 0.70 14.64 36.74
CA ASN C 14 0.62 13.33 36.13
C ASN C 14 1.69 12.40 36.68
N PRO C 15 1.31 11.21 37.19
CA PRO C 15 -0.05 10.67 37.35
C PRO C 15 -0.83 11.32 38.48
N ALA C 16 -2.14 11.05 38.56
CA ALA C 16 -3.01 11.64 39.57
C ALA C 16 -4.16 10.68 39.88
N LYS C 17 -4.90 11.01 40.94
CA LYS C 17 -6.10 10.30 41.38
C LYS C 17 -7.26 10.61 40.43
N PHE C 18 -8.23 9.68 40.37
CA PHE C 18 -9.46 9.97 39.62
C PHE C 18 -10.02 11.32 40.01
N THR C 19 -10.25 11.52 41.31
CA THR C 19 -10.86 12.72 41.85
C THR C 19 -10.00 13.98 41.66
N ASP C 20 -8.73 13.84 41.29
CA ASP C 20 -7.82 14.99 41.23
C ASP C 20 -8.13 15.86 40.02
N PRO C 21 -8.10 17.19 40.16
CA PRO C 21 -8.31 18.07 39.01
C PRO C 21 -7.23 17.92 37.95
N TYR C 22 -7.48 18.58 36.80
CA TYR C 22 -6.57 18.65 35.66
C TYR C 22 -5.95 20.03 35.66
N GLU C 23 -4.63 20.12 35.88
CA GLU C 23 -3.88 21.34 35.62
C GLU C 23 -3.11 21.14 34.32
N PHE C 24 -3.43 21.94 33.32
CA PHE C 24 -2.85 21.79 31.98
C PHE C 24 -2.08 23.06 31.66
N GLU C 25 -0.75 22.99 31.74
CA GLU C 25 0.10 24.09 31.27
C GLU C 25 0.06 24.08 29.75
N ILE C 26 -0.57 25.09 29.17
CA ILE C 26 -0.89 25.10 27.75
C ILE C 26 -0.10 26.24 27.12
N THR C 27 0.97 25.88 26.43
CA THR C 27 1.71 26.86 25.65
C THR C 27 1.09 26.93 24.25
N PHE C 28 0.76 28.14 23.83
CA PHE C 28 0.13 28.35 22.53
C PHE C 28 0.60 29.68 21.97
N GLU C 29 0.30 29.89 20.69
CA GLU C 29 0.78 31.04 19.95
C GLU C 29 -0.37 31.65 19.16
N CYS C 30 -0.33 32.96 18.99
CA CYS C 30 -1.38 33.68 18.28
C CYS C 30 -0.77 34.60 17.24
N LEU C 31 -1.22 34.46 15.99
CA LEU C 31 -0.79 35.31 14.88
C LEU C 31 -1.98 36.13 14.41
N GLU C 32 -1.82 37.47 14.38
CA GLU C 32 -2.90 38.39 14.03
C GLU C 32 -4.01 38.30 15.07
N SER C 33 -3.91 39.11 16.13
CA SER C 33 -4.86 39.01 17.24
C SER C 33 -6.25 39.50 16.85
N LEU C 34 -7.27 38.97 17.53
CA LEU C 34 -8.65 39.34 17.30
C LEU C 34 -9.38 39.29 18.64
N LYS C 35 -10.59 39.81 18.66
CA LYS C 35 -11.23 40.21 19.92
C LYS C 35 -12.14 39.15 20.51
N HIS C 36 -12.81 38.34 19.69
CA HIS C 36 -13.93 37.55 20.19
C HIS C 36 -13.54 36.53 21.26
N ASP C 37 -12.24 36.32 21.52
CA ASP C 37 -11.74 35.51 22.64
C ASP C 37 -11.85 34.00 22.45
N LEU C 38 -11.06 33.25 23.23
CA LEU C 38 -10.78 31.81 23.03
C LEU C 38 -11.45 30.96 24.11
N GLU C 39 -12.18 29.93 23.68
CA GLU C 39 -12.93 29.04 24.58
C GLU C 39 -12.23 27.68 24.65
N TRP C 40 -11.45 27.48 25.72
CA TRP C 40 -10.71 26.24 25.91
C TRP C 40 -11.58 25.26 26.68
N LYS C 41 -11.96 24.16 26.03
CA LYS C 41 -12.89 23.20 26.61
C LYS C 41 -12.24 21.84 26.75
N LEU C 42 -12.41 21.20 27.91
CA LEU C 42 -11.92 19.84 28.12
C LEU C 42 -13.09 18.86 28.27
N THR C 43 -13.10 17.83 27.42
CA THR C 43 -14.26 16.96 27.24
C THR C 43 -13.88 15.52 27.54
N TYR C 44 -14.58 14.88 28.46
CA TYR C 44 -14.37 13.47 28.75
C TYR C 44 -15.08 12.63 27.68
N VAL C 45 -14.40 11.62 27.14
CA VAL C 45 -14.99 10.74 26.14
C VAL C 45 -14.84 9.30 26.59
N GLY C 46 -15.96 8.61 26.76
CA GLY C 46 -15.96 7.24 27.23
C GLY C 46 -16.48 6.25 26.23
N SER C 47 -16.08 4.99 26.39
CA SER C 47 -16.59 3.91 25.59
C SER C 47 -16.76 2.71 26.50
N SER C 48 -17.99 2.23 26.59
CA SER C 48 -18.38 1.15 27.48
C SER C 48 -19.43 0.31 26.75
N ARG C 49 -19.68 -0.89 27.31
CA ARG C 49 -20.48 -1.95 26.71
C ARG C 49 -21.39 -1.55 25.55
N SER C 50 -22.41 -0.78 25.82
CA SER C 50 -23.39 -0.44 24.80
C SER C 50 -23.55 1.07 24.68
N LEU C 51 -22.48 1.81 24.99
CA LEU C 51 -22.64 3.24 25.03
C LEU C 51 -21.34 3.92 24.63
N ASP C 52 -21.48 5.09 24.01
CA ASP C 52 -20.36 5.95 23.68
C ASP C 52 -20.71 7.34 24.18
N HIS C 53 -20.24 7.62 25.39
CA HIS C 53 -20.62 8.79 26.15
C HIS C 53 -19.58 9.87 25.92
N ASP C 54 -20.04 11.08 25.59
CA ASP C 54 -19.18 12.24 25.65
C ASP C 54 -19.85 13.29 26.53
N GLN C 55 -19.10 13.76 27.53
CA GLN C 55 -19.53 14.82 28.42
C GLN C 55 -18.42 15.84 28.64
N GLU C 56 -18.81 17.09 28.67
CA GLU C 56 -17.88 18.18 28.91
C GLU C 56 -17.44 18.14 30.38
N LEU C 57 -16.15 18.39 30.64
CA LEU C 57 -15.61 18.38 32.00
C LEU C 57 -15.44 19.78 32.60
N ASP C 58 -14.88 20.72 31.85
CA ASP C 58 -14.68 22.09 32.34
C ASP C 58 -14.47 22.99 31.13
N SER C 59 -14.46 24.30 31.37
CA SER C 59 -14.31 25.24 30.28
C SER C 59 -13.77 26.55 30.83
N ILE C 60 -12.68 27.02 30.26
CA ILE C 60 -12.00 28.24 30.70
C ILE C 60 -12.01 29.23 29.53
N LEU C 61 -12.09 30.50 29.85
CA LEU C 61 -11.99 31.55 28.85
C LEU C 61 -10.74 32.37 29.15
N VAL C 62 -9.86 32.50 28.16
CA VAL C 62 -8.63 33.27 28.30
C VAL C 62 -8.79 34.60 27.58
N GLY C 63 -8.68 35.70 28.35
CA GLY C 63 -8.95 37.03 27.87
C GLY C 63 -8.21 38.11 28.65
N PRO C 64 -7.59 39.06 27.93
CA PRO C 64 -7.58 39.24 26.48
C PRO C 64 -6.57 38.33 25.77
N VAL C 65 -6.62 38.21 24.46
CA VAL C 65 -5.72 37.31 23.73
C VAL C 65 -4.58 38.14 23.13
N PRO C 66 -3.35 37.92 23.56
CA PRO C 66 -2.22 38.66 22.95
C PRO C 66 -1.54 37.89 21.82
N VAL C 67 -0.71 38.61 21.06
CA VAL C 67 0.11 38.00 20.01
C VAL C 67 1.35 37.38 20.64
N GLY C 68 1.96 36.45 19.93
CA GLY C 68 3.16 35.79 20.40
C GLY C 68 2.88 34.47 21.08
N VAL C 69 3.82 34.04 21.92
CA VAL C 69 3.66 32.82 22.72
C VAL C 69 3.09 33.18 24.09
N ASN C 70 1.89 32.68 24.39
CA ASN C 70 1.26 32.81 25.69
C ASN C 70 1.25 31.44 26.35
N LYS C 71 1.68 31.38 27.61
CA LYS C 71 1.53 30.19 28.43
C LYS C 71 0.58 30.51 29.58
N PHE C 72 -0.57 29.82 29.59
CA PHE C 72 -1.59 29.91 30.63
C PHE C 72 -1.89 28.52 31.14
N VAL C 73 -2.16 28.41 32.44
CA VAL C 73 -2.52 27.08 33.00
C VAL C 73 -4.05 26.98 33.10
N PHE C 74 -4.64 25.94 32.50
CA PHE C 74 -6.11 25.73 32.60
C PHE C 74 -6.35 24.70 33.68
N SER C 75 -6.85 25.17 34.82
CA SER C 75 -7.24 24.22 35.89
C SER C 75 -8.64 23.70 35.53
N ALA C 76 -8.82 22.39 35.45
CA ALA C 76 -10.11 21.85 34.98
C ALA C 76 -10.71 20.91 36.01
N ASP C 77 -12.05 20.80 36.03
CA ASP C 77 -12.69 20.00 37.09
C ASP C 77 -12.58 18.51 36.76
N PRO C 78 -12.37 17.66 37.78
CA PRO C 78 -12.26 16.22 37.56
C PRO C 78 -13.55 15.53 37.17
N PRO C 79 -13.50 14.23 36.82
CA PRO C 79 -14.70 13.50 36.47
C PRO C 79 -15.58 13.16 37.67
N SER C 80 -16.77 12.63 37.39
CA SER C 80 -17.72 12.28 38.47
C SER C 80 -18.08 10.80 38.34
N ALA C 81 -17.52 9.95 39.17
CA ALA C 81 -17.76 8.49 39.10
C ALA C 81 -19.26 8.17 39.13
N GLU C 82 -20.05 9.07 39.70
CA GLU C 82 -21.52 8.86 39.77
C GLU C 82 -22.12 8.97 38.37
N LEU C 83 -21.43 9.66 37.47
CA LEU C 83 -21.95 9.86 36.12
C LEU C 83 -21.19 9.05 35.07
N ILE C 84 -20.34 8.12 35.51
CA ILE C 84 -19.53 7.30 34.60
C ILE C 84 -19.76 5.83 34.97
N PRO C 85 -19.91 4.92 33.99
CA PRO C 85 -19.97 3.48 34.31
C PRO C 85 -18.74 2.98 35.06
N ALA C 86 -18.92 1.87 35.78
CA ALA C 86 -17.82 1.36 36.61
C ALA C 86 -16.64 0.89 35.78
N SER C 87 -16.87 0.49 34.53
CA SER C 87 -15.77 -0.02 33.71
C SER C 87 -14.79 1.07 33.33
N GLU C 88 -15.31 2.23 32.90
CA GLU C 88 -14.45 3.35 32.53
C GLU C 88 -13.64 3.88 33.71
N LEU C 89 -13.99 3.48 34.93
CA LEU C 89 -13.20 3.82 36.11
C LEU C 89 -11.84 3.12 36.09
N VAL C 90 -11.81 1.86 35.66
CA VAL C 90 -10.63 1.03 35.79
C VAL C 90 -10.02 0.72 34.42
N SER C 91 -10.42 1.46 33.39
CA SER C 91 -10.03 1.12 32.03
C SER C 91 -9.47 2.36 31.36
N VAL C 92 -9.09 2.19 30.10
CA VAL C 92 -8.59 3.31 29.32
C VAL C 92 -9.75 4.22 28.96
N THR C 93 -9.49 5.53 28.97
CA THR C 93 -10.49 6.51 28.55
C THR C 93 -9.78 7.54 27.70
N VAL C 94 -10.48 8.61 27.36
CA VAL C 94 -9.92 9.61 26.44
C VAL C 94 -10.45 10.96 26.87
N ILE C 95 -9.64 11.98 26.71
CA ILE C 95 -10.04 13.35 26.99
C ILE C 95 -9.63 14.23 25.81
N LEU C 96 -10.52 15.14 25.44
CA LEU C 96 -10.34 16.01 24.30
C LEU C 96 -10.20 17.43 24.82
N LEU C 97 -8.97 17.90 24.88
CA LEU C 97 -8.75 19.33 25.06
C LEU C 97 -9.05 20.03 23.76
N SER C 98 -9.98 20.96 23.80
CA SER C 98 -10.57 21.58 22.64
C SER C 98 -10.51 23.08 22.82
N CYS C 99 -10.18 23.81 21.78
CA CYS C 99 -10.27 25.25 21.89
C CYS C 99 -11.11 25.75 20.73
N SER C 100 -11.95 26.71 21.03
CA SER C 100 -12.97 27.17 20.11
C SER C 100 -12.95 28.68 20.10
N TYR C 101 -13.38 29.27 18.97
CA TYR C 101 -13.34 30.71 18.77
C TYR C 101 -14.72 31.20 18.34
N ASP C 102 -15.41 31.93 19.23
CA ASP C 102 -16.77 32.40 19.01
C ASP C 102 -17.63 31.30 18.40
N GLY C 103 -17.80 30.23 19.18
CA GLY C 103 -18.61 29.10 18.80
C GLY C 103 -17.90 28.07 17.96
N ARG C 104 -16.72 28.37 17.45
CA ARG C 104 -16.11 27.55 16.41
C ARG C 104 -14.88 26.85 16.98
N GLU C 105 -14.98 25.52 17.07
CA GLU C 105 -13.86 24.68 17.48
C GLU C 105 -12.86 24.62 16.33
N PHE C 106 -11.60 25.01 16.59
CA PHE C 106 -10.59 24.97 15.55
C PHE C 106 -9.46 23.99 15.81
N VAL C 107 -9.34 23.47 17.02
CA VAL C 107 -8.27 22.52 17.32
C VAL C 107 -8.75 21.64 18.44
N ARG C 108 -8.38 20.37 18.37
CA ARG C 108 -8.86 19.39 19.32
C ARG C 108 -7.73 18.43 19.55
N VAL C 109 -7.30 18.30 20.79
CA VAL C 109 -6.16 17.46 21.10
C VAL C 109 -6.67 16.33 21.99
N GLY C 110 -6.59 15.11 21.47
CA GLY C 110 -7.07 13.94 22.17
C GLY C 110 -5.93 13.17 22.84
N TYR C 111 -6.19 12.71 24.05
CA TYR C 111 -5.17 12.03 24.83
C TYR C 111 -5.71 10.72 25.36
N TYR C 112 -4.94 9.65 25.16
CA TYR C 112 -5.19 8.43 25.91
C TYR C 112 -5.07 8.70 27.41
N VAL C 113 -5.87 7.98 28.20
CA VAL C 113 -5.82 8.05 29.65
C VAL C 113 -6.07 6.67 30.21
N ASN C 114 -5.21 6.22 31.12
CA ASN C 114 -5.39 4.96 31.83
C ASN C 114 -5.85 5.21 33.27
N ASN C 115 -6.63 4.28 33.81
CA ASN C 115 -7.05 4.36 35.20
C ASN C 115 -7.04 2.95 35.79
N GLU C 116 -6.61 2.85 37.06
CA GLU C 116 -6.54 1.55 37.74
C GLU C 116 -6.36 1.76 39.24
N TYR C 117 -6.33 0.65 39.97
CA TYR C 117 -6.15 0.63 41.42
C TYR C 117 -4.67 0.76 41.76
N ASP C 118 -4.37 1.55 42.80
CA ASP C 118 -3.00 1.65 43.30
C ASP C 118 -2.60 0.40 44.08
N GLU C 119 -3.53 -0.15 44.86
CA GLU C 119 -3.26 -1.34 45.65
C GLU C 119 -2.91 -2.52 44.75
N GLU C 120 -1.98 -3.36 45.22
CA GLU C 120 -1.51 -4.48 44.42
C GLU C 120 -2.55 -5.59 44.35
N GLU C 121 -2.99 -6.08 45.51
CA GLU C 121 -4.01 -7.12 45.57
C GLU C 121 -5.29 -6.65 44.88
N LEU C 122 -5.77 -5.45 45.23
CA LEU C 122 -6.98 -4.90 44.61
C LEU C 122 -6.89 -4.92 43.10
N ARG C 123 -5.67 -4.82 42.55
CA ARG C 123 -5.49 -4.92 41.11
C ARG C 123 -5.59 -6.37 40.63
N GLU C 124 -5.09 -7.33 41.43
CA GLU C 124 -5.20 -8.74 41.06
C GLU C 124 -6.64 -9.24 41.17
N ASN C 125 -7.29 -8.96 42.29
CA ASN C 125 -8.70 -9.30 42.50
C ASN C 125 -9.45 -8.02 42.86
N PRO C 126 -10.44 -7.61 42.07
CA PRO C 126 -11.08 -6.31 42.29
C PRO C 126 -12.02 -6.35 43.46
N PRO C 127 -12.28 -5.21 44.10
CA PRO C 127 -13.41 -5.12 45.03
C PRO C 127 -14.73 -5.14 44.26
N ALA C 128 -15.78 -5.59 44.94
CA ALA C 128 -17.09 -5.69 44.30
C ALA C 128 -17.53 -4.36 43.74
N LYS C 129 -17.15 -3.25 44.37
CA LYS C 129 -17.55 -1.91 44.00
C LYS C 129 -16.31 -1.08 43.76
N VAL C 130 -16.38 -0.19 42.78
CA VAL C 130 -15.19 0.59 42.44
C VAL C 130 -14.96 1.63 43.53
N GLN C 131 -13.80 1.56 44.18
CA GLN C 131 -13.42 2.52 45.20
C GLN C 131 -12.61 3.62 44.50
N VAL C 132 -13.30 4.67 44.07
CA VAL C 132 -12.67 5.78 43.33
C VAL C 132 -11.47 6.34 44.09
N ASP C 133 -11.47 6.25 45.42
CA ASP C 133 -10.38 6.81 46.20
C ASP C 133 -9.05 6.13 45.90
N HIS C 134 -9.07 4.86 45.50
CA HIS C 134 -7.87 4.10 45.22
C HIS C 134 -7.62 3.95 43.71
N ILE C 135 -8.37 4.67 42.88
CA ILE C 135 -8.09 4.73 41.46
C ILE C 135 -7.04 5.79 41.21
N VAL C 136 -6.11 5.51 40.29
CA VAL C 136 -5.11 6.48 39.87
C VAL C 136 -5.08 6.56 38.35
N ARG C 137 -5.03 7.77 37.83
CA ARG C 137 -5.12 8.06 36.41
C ARG C 137 -3.77 8.47 35.85
N ASN C 138 -3.57 8.18 34.57
CA ASN C 138 -2.30 8.40 33.87
C ASN C 138 -2.59 8.88 32.44
N ILE C 139 -2.30 10.17 32.18
CA ILE C 139 -2.57 10.79 30.89
C ILE C 139 -1.35 10.54 29.99
N LEU C 140 -1.60 10.06 28.77
CA LEU C 140 -0.52 9.90 27.80
C LEU C 140 -0.37 11.20 26.99
N ALA C 141 0.19 12.21 27.65
CA ALA C 141 0.25 13.55 27.09
C ALA C 141 1.48 13.81 26.25
N GLU C 142 2.44 12.87 26.28
CA GLU C 142 3.61 12.84 25.43
C GLU C 142 3.28 12.45 23.99
N LYS C 143 2.07 11.94 23.74
CA LYS C 143 1.66 11.53 22.40
C LYS C 143 0.27 12.06 22.07
N PRO C 144 0.12 13.39 21.98
CA PRO C 144 -1.17 13.98 21.57
C PRO C 144 -1.70 13.39 20.27
N ARG C 145 -3.02 13.33 20.14
CA ARG C 145 -3.68 13.01 18.88
C ARG C 145 -4.49 14.23 18.48
N VAL C 146 -4.06 14.93 17.44
CA VAL C 146 -4.46 16.31 17.20
C VAL C 146 -5.31 16.37 15.95
N THR C 147 -6.37 17.15 16.02
CA THR C 147 -7.25 17.42 14.88
C THR C 147 -7.39 18.91 14.75
N ARG C 148 -7.21 19.45 13.56
CA ARG C 148 -7.32 20.88 13.36
C ARG C 148 -8.45 21.15 12.38
N PHE C 149 -9.25 22.17 12.66
CA PHE C 149 -10.38 22.56 11.81
C PHE C 149 -10.25 24.02 11.42
N ASN C 150 -10.32 24.30 10.12
CA ASN C 150 -10.20 25.66 9.64
C ASN C 150 -11.51 26.40 9.86
N ILE C 151 -11.49 27.34 10.82
CA ILE C 151 -12.63 28.19 11.14
C ILE C 151 -12.37 29.57 10.56
N VAL C 152 -13.45 30.30 10.29
CA VAL C 152 -13.37 31.66 9.78
C VAL C 152 -13.01 32.56 10.96
N TRP C 153 -11.73 32.88 11.10
CA TRP C 153 -11.33 33.66 12.25
C TRP C 153 -11.90 35.07 12.19
N ASP C 154 -11.91 35.67 11.00
CA ASP C 154 -12.33 37.06 10.75
C ASP C 154 -13.43 37.56 11.68
N LEU D 9 24.05 1.75 -24.70
CA LEU D 9 23.92 0.82 -25.83
C LEU D 9 22.74 1.22 -26.71
N VAL D 10 23.00 1.52 -27.98
CA VAL D 10 21.92 1.71 -28.96
C VAL D 10 21.69 0.37 -29.64
N ILE D 11 20.54 -0.25 -29.36
CA ILE D 11 20.15 -1.52 -29.97
C ILE D 11 19.20 -1.23 -31.12
N ASN D 12 19.50 -1.77 -32.31
CA ASN D 12 18.56 -1.70 -33.42
C ASN D 12 18.62 -2.99 -34.23
N GLY D 13 17.55 -3.77 -34.15
CA GLY D 13 17.46 -5.02 -34.89
C GLY D 13 16.14 -5.12 -35.63
N ARG D 14 15.98 -6.23 -36.35
CA ARG D 14 14.72 -6.48 -37.04
C ARG D 14 13.55 -6.36 -36.06
N THR D 15 13.67 -7.03 -34.91
CA THR D 15 12.59 -7.11 -33.93
C THR D 15 12.74 -6.15 -32.76
N LEU D 16 13.97 -5.86 -32.31
CA LEU D 16 14.16 -5.09 -31.10
C LEU D 16 14.93 -3.81 -31.37
N SER D 17 14.54 -2.76 -30.66
CA SER D 17 15.10 -1.43 -30.86
C SER D 17 14.96 -0.64 -29.57
N GLY D 18 16.09 -0.12 -29.05
CA GLY D 18 16.07 0.57 -27.77
C GLY D 18 17.44 0.92 -27.23
N TYR D 19 17.53 1.04 -25.89
CA TYR D 19 18.75 1.51 -25.22
C TYR D 19 18.86 1.02 -23.77
N THR D 20 20.09 0.82 -23.31
CA THR D 20 20.44 0.62 -21.90
C THR D 20 21.78 1.27 -21.60
N THR D 21 22.11 1.36 -20.32
CA THR D 21 23.32 1.98 -19.85
C THR D 21 24.04 1.06 -18.88
N THR D 22 25.31 1.37 -18.67
CA THR D 22 26.12 0.78 -17.62
C THR D 22 27.38 1.62 -17.53
N THR D 23 27.86 1.82 -16.33
CA THR D 23 29.07 2.58 -16.10
C THR D 23 30.16 1.62 -15.66
N ALA D 24 31.38 1.89 -16.08
CA ALA D 24 32.45 0.95 -15.84
C ALA D 24 33.78 1.65 -16.08
N VAL D 25 34.84 0.86 -16.06
CA VAL D 25 36.19 1.40 -16.10
C VAL D 25 36.62 1.70 -17.52
N ASP D 26 36.44 0.75 -18.44
CA ASP D 26 36.82 0.90 -19.84
C ASP D 26 35.70 0.42 -20.74
N ALA D 27 35.67 0.96 -21.96
CA ALA D 27 34.58 0.62 -22.88
C ALA D 27 34.54 -0.87 -23.20
N ALA D 28 35.67 -1.57 -23.08
CA ALA D 28 35.67 -3.01 -23.34
C ALA D 28 34.96 -3.78 -22.24
N THR D 29 35.05 -3.30 -20.99
CA THR D 29 34.25 -3.89 -19.92
C THR D 29 32.78 -3.57 -20.09
N ALA D 30 32.49 -2.34 -20.52
CA ALA D 30 31.12 -2.00 -20.89
C ALA D 30 30.66 -2.83 -22.08
N GLU D 31 31.51 -2.94 -23.13
CA GLU D 31 31.09 -3.71 -24.29
C GLU D 31 30.95 -5.19 -23.96
N LYS D 32 31.56 -5.66 -22.86
CA LYS D 32 31.40 -7.07 -22.50
C LYS D 32 30.01 -7.34 -21.93
N VAL D 33 29.53 -6.51 -20.99
CA VAL D 33 28.19 -6.73 -20.45
C VAL D 33 27.14 -6.48 -21.52
N PHE D 34 27.30 -5.40 -22.29
CA PHE D 34 26.40 -5.12 -23.41
C PHE D 34 26.22 -6.35 -24.28
N LYS D 35 27.32 -7.06 -24.57
CA LYS D 35 27.27 -8.33 -25.29
C LYS D 35 26.40 -9.34 -24.57
N GLN D 36 26.67 -9.57 -23.28
CA GLN D 36 25.86 -10.50 -22.48
C GLN D 36 24.39 -10.10 -22.49
N TYR D 37 24.10 -8.84 -22.85
CA TYR D 37 22.76 -8.37 -23.10
C TYR D 37 22.31 -8.64 -24.54
N ALA D 38 22.79 -9.73 -25.13
CA ALA D 38 22.31 -10.16 -26.44
C ALA D 38 21.33 -11.30 -26.26
N PHE D 39 20.14 -10.95 -25.77
CA PHE D 39 19.00 -11.86 -25.87
C PHE D 39 18.76 -12.21 -27.32
N GLY D 40 19.70 -12.92 -27.96
CA GLY D 40 19.54 -13.29 -29.34
C GLY D 40 19.67 -12.17 -30.33
N ASN D 41 19.82 -10.92 -29.88
CA ASN D 41 20.14 -9.87 -30.84
C ASN D 41 21.59 -9.99 -31.32
N GLY D 42 22.52 -10.21 -30.40
CA GLY D 42 23.95 -10.25 -30.69
C GLY D 42 24.38 -11.05 -31.90
N VAL D 43 23.61 -12.10 -32.22
CA VAL D 43 23.89 -12.95 -33.38
C VAL D 43 24.12 -12.11 -34.62
N ASP D 44 23.19 -11.19 -34.90
CA ASP D 44 23.35 -10.24 -36.00
C ASP D 44 23.74 -8.91 -35.35
N GLY D 45 25.01 -8.81 -34.99
CA GLY D 45 25.54 -7.64 -34.32
C GLY D 45 26.58 -6.88 -35.10
N GLU D 46 26.21 -5.70 -35.61
CA GLU D 46 27.20 -4.84 -36.26
C GLU D 46 28.26 -4.37 -35.28
N TRP D 47 27.85 -4.00 -34.07
CA TRP D 47 28.78 -3.69 -32.98
C TRP D 47 29.75 -2.58 -33.37
N THR D 48 29.19 -1.40 -33.62
CA THR D 48 30.00 -0.25 -34.02
C THR D 48 30.74 0.29 -32.81
N ASP D 50 31.51 4.27 -30.29
CA ASP D 50 31.89 5.69 -30.26
C ASP D 50 32.42 6.08 -28.89
N ASP D 51 33.65 6.60 -28.85
CA ASP D 51 34.29 6.92 -27.58
C ASP D 51 33.92 8.32 -27.07
N ALA D 52 34.00 9.33 -27.93
CA ALA D 52 33.61 10.69 -27.54
C ALA D 52 32.22 10.69 -26.92
N THR D 53 31.23 10.34 -27.71
CA THR D 53 29.84 10.30 -27.31
C THR D 53 29.53 9.15 -26.35
N LYS D 54 30.47 8.24 -26.12
CA LYS D 54 30.26 7.09 -25.25
C LYS D 54 28.97 6.34 -25.60
N THR D 55 28.78 6.06 -26.89
CA THR D 55 27.72 5.17 -27.37
C THR D 55 28.30 3.99 -28.16
N PHE D 56 27.70 2.83 -27.98
CA PHE D 56 28.07 1.62 -28.69
C PHE D 56 26.79 1.01 -29.28
N THR D 57 26.78 0.86 -30.61
CA THR D 57 25.60 0.51 -31.40
C THR D 57 25.75 -0.87 -32.04
N VAL D 58 24.68 -1.64 -31.98
CA VAL D 58 24.59 -2.94 -32.63
C VAL D 58 23.54 -2.82 -33.74
N THR D 59 23.80 -3.44 -34.89
CA THR D 59 22.86 -3.35 -36.01
C THR D 59 22.69 -4.73 -36.63
N GLU D 60 21.54 -4.94 -37.30
CA GLU D 60 21.17 -6.26 -37.82
C GLU D 60 20.97 -6.34 -39.34
N LYS D 61 19.84 -5.80 -39.85
CA LYS D 61 19.31 -5.84 -41.23
C LYS D 61 18.59 -7.16 -41.47
N PRO D 62 17.40 -7.15 -42.11
CA PRO D 62 16.53 -8.33 -42.31
C PRO D 62 17.26 -9.55 -42.85
#